data_7U4A
#
_entry.id   7U4A
#
_cell.length_a   48.421
_cell.length_b   39.137
_cell.length_c   66.583
_cell.angle_alpha   90.000
_cell.angle_beta   94.339
_cell.angle_gamma   90.000
#
_symmetry.space_group_name_H-M   'P 1 21 1'
#
loop_
_entity.id
_entity.type
_entity.pdbx_description
1 polymer 'RNA (70-MER)'
2 non-polymer 'MAGNESIUM ION'
3 water water
#
_entity_poly.entity_id   1
_entity_poly.type   'polyribonucleotide'
_entity_poly.pdbx_seq_one_letter_code
;GGGUCAGGCCGGCGAAAGUCGCCACAGUUUGGGGAAAGCUGUGCAGCCUGUAACUCUCCCACGAAAGUGGGU
;
_entity_poly.pdbx_strand_id   A
#
loop_
_chem_comp.id
_chem_comp.type
_chem_comp.name
_chem_comp.formula
A RNA linking ADENOSINE-5'-MONOPHOSPHATE 'C10 H14 N5 O7 P'
C RNA linking CYTIDINE-5'-MONOPHOSPHATE 'C9 H14 N3 O8 P'
G RNA linking GUANOSINE-5'-MONOPHOSPHATE 'C10 H14 N5 O8 P'
MG non-polymer 'MAGNESIUM ION' 'Mg 2'
U RNA linking URIDINE-5'-MONOPHOSPHATE 'C9 H13 N2 O9 P'
#
# COMPACT_ATOMS: atom_id res chain seq x y z
MG MG B . 0.00 0.00 0.00
#